data_8BIA
#
_entry.id   8BIA
#
_cell.length_a   53.161
_cell.length_b   53.161
_cell.length_c   217.010
_cell.angle_alpha   90.000
_cell.angle_beta   90.000
_cell.angle_gamma   90.000
#
_symmetry.space_group_name_H-M   'I 41 2 2'
#
loop_
_entity.id
_entity.type
_entity.pdbx_description
1 polymer 'Protein scribble homolog'
2 polymer 'Parathyroid hormone/parathyroid hormone-related peptide receptor'
3 non-polymer 'PHOSPHATE ION'
4 water water
#
loop_
_entity_poly.entity_id
_entity_poly.type
_entity_poly.pdbx_seq_one_letter_code
_entity_poly.pdbx_strand_id
1 'polypeptide(L)'
;APSVKGVSFDQANNLLIEPARIEEEELTLTILRQTGGLGISIAGGKGSTPYKGDDEGIFISRVSEEGPAARAGVRVGDKL
LEVNGVALQGAEHHEAVEALRGAGTAVQMRVWRERM
;
A
2 'polypeptide(L)' QEEWETVM C
#
loop_
_chem_comp.id
_chem_comp.type
_chem_comp.name
_chem_comp.formula
PO4 non-polymer 'PHOSPHATE ION' 'O4 P -3'
#
# COMPACT_ATOMS: atom_id res chain seq x y z
N LEU A 15 -3.30 -11.54 38.85
CA LEU A 15 -4.05 -11.15 37.65
C LEU A 15 -3.12 -11.07 36.44
N LEU A 16 -3.71 -10.92 35.26
CA LEU A 16 -2.96 -10.82 34.02
C LEU A 16 -2.86 -9.36 33.58
N ILE A 17 -1.80 -9.07 32.82
CA ILE A 17 -1.49 -7.73 32.36
C ILE A 17 -1.49 -7.73 30.84
N GLU A 18 -2.03 -6.67 30.26
CA GLU A 18 -1.97 -6.53 28.81
C GLU A 18 -0.52 -6.46 28.36
N PRO A 19 -0.10 -7.28 27.40
CA PRO A 19 1.29 -7.23 26.95
C PRO A 19 1.58 -5.96 26.16
N ALA A 20 2.87 -5.74 25.90
CA ALA A 20 3.27 -4.65 25.02
C ALA A 20 2.60 -4.83 23.67
N ARG A 21 1.95 -3.77 23.19
CA ARG A 21 1.18 -3.82 21.95
C ARG A 21 1.67 -2.73 21.02
N ILE A 22 1.92 -3.09 19.77
CA ILE A 22 2.30 -2.14 18.73
C ILE A 22 1.02 -1.76 18.00
N GLU A 23 0.59 -0.51 18.16
CA GLU A 23 -0.66 -0.05 17.60
C GLU A 23 -0.50 0.52 16.20
N GLU A 24 0.70 0.99 15.84
CA GLU A 24 0.95 1.61 14.55
C GLU A 24 2.40 1.38 14.17
N GLU A 25 2.63 1.21 12.86
CA GLU A 25 3.96 1.09 12.29
C GLU A 25 4.05 1.95 11.05
N GLU A 26 5.25 2.49 10.81
CA GLU A 26 5.60 3.06 9.52
C GLU A 26 6.84 2.31 9.03
N LEU A 27 6.68 1.58 7.93
CA LEU A 27 7.75 0.72 7.42
C LEU A 27 8.21 1.22 6.05
N THR A 28 9.43 0.83 5.70
CA THR A 28 9.95 0.98 4.35
C THR A 28 10.21 -0.42 3.80
N LEU A 29 9.48 -0.78 2.74
CA LEU A 29 9.56 -2.10 2.14
C LEU A 29 10.07 -1.98 0.71
N THR A 30 10.93 -2.92 0.33
CA THR A 30 11.54 -2.94 -1.00
C THR A 30 11.04 -4.16 -1.76
N ILE A 31 10.35 -3.92 -2.88
CA ILE A 31 9.75 -4.97 -3.68
C ILE A 31 10.56 -5.16 -4.95
N LEU A 32 10.68 -6.40 -5.40
CA LEU A 32 11.36 -6.75 -6.64
C LEU A 32 10.30 -7.18 -7.65
N ARG A 33 10.00 -6.30 -8.60
CA ARG A 33 8.95 -6.57 -9.57
C ARG A 33 9.35 -7.72 -10.49
N GLN A 34 8.38 -8.60 -10.75
CA GLN A 34 8.54 -9.68 -11.72
C GLN A 34 7.81 -9.32 -13.01
N THR A 35 8.18 -10.03 -14.09
CA THR A 35 7.59 -9.77 -15.39
C THR A 35 6.07 -9.67 -15.31
N GLY A 36 5.46 -10.41 -14.38
CA GLY A 36 4.05 -10.26 -14.13
C GLY A 36 3.70 -8.94 -13.44
N GLY A 37 4.57 -8.46 -12.58
CA GLY A 37 4.35 -7.19 -11.90
C GLY A 37 4.66 -7.26 -10.41
N LEU A 38 3.96 -6.44 -9.63
CA LEU A 38 4.23 -6.32 -8.20
C LEU A 38 3.45 -7.32 -7.37
N GLY A 39 2.23 -7.67 -7.77
CA GLY A 39 1.42 -8.62 -7.03
C GLY A 39 0.62 -7.96 -5.93
N ILE A 40 0.08 -6.78 -6.22
CA ILE A 40 -0.75 -6.04 -5.28
C ILE A 40 -1.97 -5.50 -6.02
N SER A 41 -2.87 -4.89 -5.25
CA SER A 41 -3.96 -4.08 -5.78
C SER A 41 -4.13 -2.89 -4.85
N ILE A 42 -4.23 -1.69 -5.41
CA ILE A 42 -4.33 -0.47 -4.61
C ILE A 42 -5.74 0.07 -4.71
N ALA A 43 -6.14 0.80 -3.66
CA ALA A 43 -7.49 1.32 -3.54
C ALA A 43 -7.42 2.77 -3.05
N GLY A 44 -8.49 3.51 -3.33
CA GLY A 44 -8.61 4.86 -2.82
C GLY A 44 -8.02 5.91 -3.76
N GLY A 45 -7.99 7.13 -3.25
CA GLY A 45 -7.47 8.27 -3.99
C GLY A 45 -8.36 9.49 -3.79
N LYS A 46 -7.75 10.66 -3.87
CA LYS A 46 -8.49 11.90 -3.70
C LYS A 46 -9.63 11.99 -4.71
N GLY A 47 -10.84 12.20 -4.21
CA GLY A 47 -12.03 12.22 -5.04
C GLY A 47 -12.67 10.87 -5.25
N SER A 48 -12.08 9.81 -4.68
CA SER A 48 -12.60 8.46 -4.85
C SER A 48 -13.36 8.03 -3.60
N THR A 49 -14.09 6.93 -3.73
CA THR A 49 -14.71 6.28 -2.59
C THR A 49 -13.61 5.76 -1.68
N PRO A 50 -13.41 6.31 -0.48
CA PRO A 50 -12.29 5.88 0.35
C PRO A 50 -12.34 4.40 0.67
N TYR A 51 -11.16 3.79 0.80
CA TYR A 51 -11.05 2.37 1.11
C TYR A 51 -11.33 2.10 2.58
N LYS A 52 -10.85 2.97 3.47
CA LYS A 52 -11.09 2.84 4.91
C LYS A 52 -11.64 4.16 5.42
N GLY A 53 -12.85 4.12 5.98
CA GLY A 53 -13.42 5.32 6.56
C GLY A 53 -13.53 6.43 5.55
N ASP A 54 -13.14 7.63 5.96
CA ASP A 54 -13.10 8.81 5.08
C ASP A 54 -11.70 9.06 4.53
N ASP A 55 -10.74 8.19 4.81
CA ASP A 55 -9.37 8.34 4.33
C ASP A 55 -9.36 8.14 2.82
N GLU A 56 -9.22 9.24 2.08
CA GLU A 56 -9.12 9.17 0.62
C GLU A 56 -7.70 8.87 0.16
N GLY A 57 -6.86 8.32 1.02
CA GLY A 57 -5.52 7.94 0.66
C GLY A 57 -5.47 6.63 -0.10
N ILE A 58 -4.25 6.20 -0.42
CA ILE A 58 -4.01 5.01 -1.22
C ILE A 58 -3.71 3.85 -0.28
N PHE A 59 -4.38 2.72 -0.50
CA PHE A 59 -4.25 1.55 0.36
C PHE A 59 -3.90 0.33 -0.49
N ILE A 60 -3.30 -0.67 0.17
CA ILE A 60 -3.07 -1.98 -0.44
C ILE A 60 -4.28 -2.85 -0.14
N SER A 61 -5.08 -3.14 -1.17
CA SER A 61 -6.29 -3.90 -0.97
C SER A 61 -6.11 -5.39 -1.17
N ARG A 62 -5.03 -5.82 -1.83
CA ARG A 62 -4.79 -7.24 -2.08
C ARG A 62 -3.29 -7.46 -2.24
N VAL A 63 -2.82 -8.62 -1.76
CA VAL A 63 -1.43 -9.02 -1.87
C VAL A 63 -1.40 -10.47 -2.34
N SER A 64 -0.74 -10.72 -3.46
CA SER A 64 -0.65 -12.07 -3.99
C SER A 64 0.27 -12.92 -3.12
N GLU A 65 -0.21 -14.09 -2.72
CA GLU A 65 0.57 -14.96 -1.84
C GLU A 65 1.88 -15.35 -2.50
N GLU A 66 2.97 -15.22 -1.74
CA GLU A 66 4.31 -15.59 -2.21
C GLU A 66 4.67 -14.83 -3.49
N GLY A 67 4.07 -13.67 -3.70
CA GLY A 67 4.45 -12.80 -4.77
C GLY A 67 5.49 -11.80 -4.31
N PRO A 68 5.92 -10.89 -5.19
CA PRO A 68 6.97 -9.94 -4.81
C PRO A 68 6.60 -9.12 -3.57
N ALA A 69 5.45 -8.43 -3.60
CA ALA A 69 5.05 -7.66 -2.42
C ALA A 69 4.92 -8.54 -1.20
N ALA A 70 4.34 -9.73 -1.35
CA ALA A 70 4.25 -10.68 -0.25
C ALA A 70 5.62 -10.97 0.35
N ARG A 71 6.57 -11.37 -0.49
CA ARG A 71 7.92 -11.67 -0.03
C ARG A 71 8.63 -10.45 0.55
N ALA A 72 8.10 -9.24 0.34
CA ALA A 72 8.74 -8.02 0.81
C ALA A 72 8.17 -7.51 2.12
N GLY A 73 7.11 -8.12 2.64
CA GLY A 73 6.52 -7.71 3.89
C GLY A 73 5.23 -6.92 3.77
N VAL A 74 4.75 -6.67 2.56
CA VAL A 74 3.51 -5.93 2.38
C VAL A 74 2.34 -6.77 2.86
N ARG A 75 1.38 -6.12 3.50
CA ARG A 75 0.19 -6.78 4.02
C ARG A 75 -1.04 -6.02 3.59
N VAL A 76 -2.16 -6.75 3.42
CA VAL A 76 -3.42 -6.12 3.06
C VAL A 76 -3.75 -5.03 4.06
N GLY A 77 -4.10 -3.85 3.55
CA GLY A 77 -4.49 -2.73 4.39
C GLY A 77 -3.43 -1.66 4.56
N ASP A 78 -2.19 -1.92 4.13
CA ASP A 78 -1.14 -0.93 4.28
C ASP A 78 -1.51 0.35 3.52
N LYS A 79 -1.40 1.49 4.20
CA LYS A 79 -1.62 2.77 3.56
C LYS A 79 -0.34 3.19 2.85
N LEU A 80 -0.45 3.55 1.58
CA LEU A 80 0.71 3.91 0.77
C LEU A 80 0.96 5.40 0.90
N LEU A 81 2.13 5.77 1.41
CA LEU A 81 2.48 7.17 1.63
C LEU A 81 3.47 7.70 0.62
N GLU A 82 4.37 6.86 0.10
CA GLU A 82 5.48 7.34 -0.71
C GLU A 82 6.07 6.16 -1.46
N VAL A 83 6.46 6.39 -2.71
CA VAL A 83 7.06 5.36 -3.56
C VAL A 83 8.30 5.95 -4.22
N ASN A 84 9.45 5.34 -3.94
CA ASN A 84 10.74 5.78 -4.45
C ASN A 84 10.87 7.31 -4.38
N GLY A 85 10.54 7.85 -3.21
CA GLY A 85 10.71 9.26 -2.96
C GLY A 85 9.66 10.17 -3.56
N VAL A 86 8.49 9.63 -3.90
CA VAL A 86 7.38 10.41 -4.44
C VAL A 86 6.22 10.28 -3.47
N ALA A 87 5.92 11.36 -2.76
CA ALA A 87 4.83 11.32 -1.79
C ALA A 87 3.48 11.29 -2.51
N LEU A 88 2.53 10.55 -1.91
CA LEU A 88 1.21 10.36 -2.50
C LEU A 88 0.13 11.14 -1.76
N GLN A 89 0.49 12.02 -0.83
CA GLN A 89 -0.50 12.76 -0.07
C GLN A 89 -1.39 13.56 -1.01
N GLY A 90 -2.70 13.49 -0.79
CA GLY A 90 -3.64 14.18 -1.65
C GLY A 90 -3.64 13.69 -3.09
N ALA A 91 -3.16 12.47 -3.33
CA ALA A 91 -3.10 11.95 -4.67
C ALA A 91 -4.42 11.32 -5.08
N GLU A 92 -4.78 11.47 -6.35
CA GLU A 92 -5.91 10.74 -6.91
C GLU A 92 -5.49 9.32 -7.24
N HIS A 93 -6.48 8.46 -7.50
CA HIS A 93 -6.17 7.05 -7.72
C HIS A 93 -5.21 6.88 -8.90
N HIS A 94 -5.47 7.58 -10.01
CA HIS A 94 -4.66 7.37 -11.20
C HIS A 94 -3.25 7.89 -11.02
N GLU A 95 -3.06 8.93 -10.20
CA GLU A 95 -1.71 9.42 -9.93
C GLU A 95 -0.89 8.34 -9.23
N ALA A 96 -1.48 7.70 -8.21
CA ALA A 96 -0.81 6.58 -7.55
C ALA A 96 -0.60 5.43 -8.54
N VAL A 97 -1.55 5.21 -9.45
CA VAL A 97 -1.40 4.17 -10.45
C VAL A 97 -0.20 4.46 -11.35
N GLU A 98 -0.03 5.73 -11.74
CA GLU A 98 1.07 6.09 -12.61
C GLU A 98 2.40 6.05 -11.87
N ALA A 99 2.40 6.32 -10.56
CA ALA A 99 3.62 6.24 -9.79
C ALA A 99 4.13 4.81 -9.74
N LEU A 100 3.25 3.84 -9.48
CA LEU A 100 3.67 2.45 -9.34
C LEU A 100 4.01 1.84 -10.69
N ARG A 101 3.22 2.14 -11.72
CA ARG A 101 3.51 1.61 -13.05
C ARG A 101 4.93 1.96 -13.49
N GLY A 102 5.43 3.10 -13.06
CA GLY A 102 6.76 3.55 -13.43
C GLY A 102 7.81 3.44 -12.36
N ALA A 103 7.49 2.87 -11.19
CA ALA A 103 8.46 2.78 -10.12
C ALA A 103 9.69 1.98 -10.54
N GLY A 104 9.57 1.13 -11.55
CA GLY A 104 10.72 0.38 -12.04
C GLY A 104 10.86 -0.98 -11.38
N THR A 105 12.07 -1.53 -11.52
CA THR A 105 12.34 -2.86 -10.97
C THR A 105 12.25 -2.86 -9.45
N ALA A 106 12.91 -1.93 -8.79
CA ALA A 106 12.97 -1.86 -7.34
C ALA A 106 11.98 -0.80 -6.87
N VAL A 107 10.93 -1.24 -6.17
CA VAL A 107 9.86 -0.36 -5.73
C VAL A 107 9.97 -0.26 -4.20
N GLN A 108 10.56 0.83 -3.74
CA GLN A 108 10.69 1.10 -2.30
C GLN A 108 9.51 1.97 -1.90
N MET A 109 8.61 1.42 -1.09
CA MET A 109 7.43 2.15 -0.63
C MET A 109 7.47 2.31 0.88
N ARG A 110 6.98 3.46 1.34
CA ARG A 110 6.75 3.73 2.75
C ARG A 110 5.27 3.55 3.04
N VAL A 111 4.95 2.72 4.03
CA VAL A 111 3.56 2.38 4.34
C VAL A 111 3.27 2.63 5.81
N TRP A 112 1.98 2.77 6.10
CA TRP A 112 1.47 2.92 7.46
C TRP A 112 0.56 1.73 7.77
N ARG A 113 0.64 1.25 9.02
CA ARG A 113 0.03 -0.03 9.36
C ARG A 113 -0.51 0.02 10.78
N GLU A 114 -1.79 -0.33 10.93
CA GLU A 114 -2.43 -0.46 12.24
C GLU A 114 -2.28 -1.90 12.74
N ARG A 115 -2.96 -2.22 13.84
CA ARG A 115 -3.10 -3.57 14.34
C ARG A 115 -4.54 -4.02 14.21
N MET A 116 -4.76 -5.32 14.40
CA MET A 116 -6.11 -5.89 14.32
C MET A 116 -6.70 -5.68 12.93
N GLN B 1 -16.13 6.33 -9.41
CA GLN B 1 -15.73 6.89 -8.12
C GLN B 1 -14.99 5.84 -7.30
N GLU B 2 -15.59 4.66 -7.15
CA GLU B 2 -15.01 3.59 -6.34
C GLU B 2 -13.96 2.86 -7.17
N GLU B 3 -12.69 3.05 -6.83
CA GLU B 3 -11.57 2.39 -7.48
C GLU B 3 -10.77 1.66 -6.39
N TRP B 4 -11.13 0.40 -6.15
CA TRP B 4 -10.56 -0.37 -5.05
C TRP B 4 -9.73 -1.56 -5.50
N GLU B 5 -9.55 -1.75 -6.81
CA GLU B 5 -8.94 -2.97 -7.31
C GLU B 5 -8.20 -2.70 -8.62
N THR B 6 -7.20 -1.83 -8.55
CA THR B 6 -6.30 -1.56 -9.67
C THR B 6 -5.07 -2.43 -9.48
N VAL B 7 -4.99 -3.50 -10.28
CA VAL B 7 -4.00 -4.56 -10.07
C VAL B 7 -2.69 -4.17 -10.77
N MET B 8 -1.57 -4.42 -10.10
CA MET B 8 -0.26 -4.06 -10.63
C MET B 8 0.79 -5.11 -10.30
P PO4 C . -9.38 9.12 -10.85
O1 PO4 C . -10.20 8.90 -9.60
O2 PO4 C . -7.96 9.47 -10.46
O3 PO4 C . -9.38 7.87 -11.69
O4 PO4 C . -9.97 10.26 -11.64
#